data_4FPR
#
_entry.id   4FPR
#
_cell.length_a   61.150
_cell.length_b   61.150
_cell.length_c   155.340
_cell.angle_alpha   90.00
_cell.angle_beta   90.00
_cell.angle_gamma   90.00
#
_symmetry.space_group_name_H-M   'P 43'
#
loop_
_entity.id
_entity.type
_entity.pdbx_description
1 polymer 'Avirulence Effector AvrLm4-7'
2 water water
#
_entity_poly.entity_id   1
_entity_poly.type   'polypeptide(L)'
_entity_poly.pdbx_seq_one_letter_code
;AYVCREASISGEIRYPQGTCPTKTEALNDCNKVTKGLIDFSQSHQRAWGIDMTAKVQCAPCKTTDPWDVVLCTCKITAHR
YREFVPKIPYSSFSSAPGVIFRQETGLDHDPEWVVNMKARTRGCDHHHHHH
;
_entity_poly.pdbx_strand_id   A,B,C,D
#
# COMPACT_ATOMS: atom_id res chain seq x y z
N ALA A 1 -20.24 -25.63 -3.59
CA ALA A 1 -18.80 -25.75 -3.79
C ALA A 1 -18.02 -25.21 -2.60
N TYR A 2 -16.69 -25.32 -2.68
CA TYR A 2 -15.82 -24.73 -1.66
C TYR A 2 -15.40 -23.32 -2.02
N VAL A 3 -15.22 -22.49 -1.02
CA VAL A 3 -14.71 -21.15 -1.29
C VAL A 3 -13.26 -21.01 -0.86
N CYS A 4 -12.52 -20.27 -1.68
CA CYS A 4 -11.15 -19.94 -1.37
C CYS A 4 -11.06 -18.52 -0.81
N ARG A 5 -9.86 -18.09 -0.49
CA ARG A 5 -9.64 -16.78 0.07
C ARG A 5 -8.31 -16.28 -0.44
N GLU A 6 -8.02 -15.01 -0.20
CA GLU A 6 -6.71 -14.47 -0.50
C GLU A 6 -5.73 -14.77 0.63
N ALA A 7 -4.52 -15.16 0.26
CA ALA A 7 -3.49 -15.39 1.26
C ALA A 7 -2.12 -14.89 0.80
N SER A 8 -1.30 -14.49 1.75
CA SER A 8 0.06 -14.07 1.42
C SER A 8 1.09 -14.73 2.28
N ILE A 9 2.31 -14.79 1.76
CA ILE A 9 3.41 -15.31 2.52
C ILE A 9 4.61 -14.42 2.24
N SER A 10 5.34 -14.08 3.30
CA SER A 10 6.46 -13.17 3.19
C SER A 10 7.78 -13.78 3.61
N GLY A 11 8.84 -13.39 2.93
CA GLY A 11 10.14 -13.94 3.19
C GLY A 11 11.23 -12.95 2.82
N GLU A 12 12.45 -13.26 3.19
CA GLU A 12 13.56 -12.37 2.95
C GLU A 12 14.55 -12.96 1.96
N ILE A 13 15.10 -12.10 1.12
CA ILE A 13 16.16 -12.52 0.22
C ILE A 13 17.32 -11.57 0.42
N ARG A 14 18.51 -12.13 0.66
CA ARG A 14 19.70 -11.33 0.92
C ARG A 14 20.67 -11.36 -0.24
N TYR A 15 21.45 -10.29 -0.37
CA TYR A 15 22.42 -10.18 -1.45
C TYR A 15 23.87 -10.16 -0.95
N PRO A 16 24.82 -10.62 -1.80
CA PRO A 16 26.21 -10.76 -1.39
C PRO A 16 26.75 -9.42 -0.94
N GLN A 17 27.54 -9.41 0.12
CA GLN A 17 28.07 -8.14 0.62
C GLN A 17 28.69 -7.27 -0.48
N GLY A 18 28.59 -5.97 -0.31
CA GLY A 18 29.14 -5.03 -1.26
C GLY A 18 28.54 -5.11 -2.66
N THR A 19 27.34 -5.68 -2.76
CA THR A 19 26.64 -5.70 -4.03
C THR A 19 25.29 -4.97 -3.96
N CYS A 20 24.66 -4.82 -5.12
CA CYS A 20 23.47 -4.00 -5.21
C CYS A 20 22.64 -4.45 -6.40
N PRO A 21 21.49 -5.06 -6.10
CA PRO A 21 20.58 -5.55 -7.13
C PRO A 21 19.78 -4.36 -7.61
N THR A 22 19.41 -4.34 -8.88
CA THR A 22 18.42 -3.42 -9.37
C THR A 22 17.07 -3.88 -8.82
N LYS A 23 16.11 -2.98 -8.74
CA LYS A 23 14.79 -3.35 -8.24
C LYS A 23 14.23 -4.43 -9.14
N THR A 24 14.56 -4.35 -10.42
CA THR A 24 14.10 -5.31 -11.39
C THR A 24 14.59 -6.72 -11.09
N GLU A 25 15.88 -6.89 -10.84
CA GLU A 25 16.37 -8.24 -10.57
C GLU A 25 15.81 -8.78 -9.25
N ALA A 26 15.66 -7.90 -8.27
CA ALA A 26 15.10 -8.33 -6.98
C ALA A 26 13.68 -8.88 -7.15
N LEU A 27 12.86 -8.15 -7.89
CA LEU A 27 11.53 -8.64 -8.17
C LEU A 27 11.61 -9.93 -8.98
N ASN A 28 12.63 -10.05 -9.82
CA ASN A 28 12.77 -11.25 -10.62
C ASN A 28 13.10 -12.46 -9.74
N ASP A 29 14.00 -12.26 -8.79
CA ASP A 29 14.34 -13.28 -7.81
C ASP A 29 13.10 -13.70 -7.05
N CYS A 30 12.40 -12.69 -6.59
CA CYS A 30 11.18 -12.90 -5.84
C CYS A 30 10.21 -13.73 -6.66
N ASN A 31 10.09 -13.43 -7.96
CA ASN A 31 9.26 -14.23 -8.84
C ASN A 31 9.76 -15.66 -9.10
N LYS A 32 11.00 -15.94 -8.70
CA LYS A 32 11.46 -17.33 -8.72
C LYS A 32 10.74 -18.13 -7.64
N VAL A 33 10.56 -17.53 -6.47
CA VAL A 33 9.81 -18.17 -5.43
C VAL A 33 8.33 -18.24 -5.75
N THR A 34 7.82 -17.28 -6.51
CA THR A 34 6.46 -17.36 -6.99
C THR A 34 6.26 -18.64 -7.79
N LYS A 35 7.13 -18.83 -8.77
CA LYS A 35 7.05 -20.00 -9.63
C LYS A 35 7.21 -21.27 -8.77
N GLY A 36 8.21 -21.25 -7.88
CA GLY A 36 8.41 -22.33 -6.95
C GLY A 36 7.16 -22.73 -6.18
N LEU A 37 6.46 -21.73 -5.64
CA LEU A 37 5.26 -22.01 -4.85
C LEU A 37 4.12 -22.54 -5.70
N ILE A 38 4.01 -22.05 -6.92
CA ILE A 38 2.96 -22.52 -7.82
C ILE A 38 3.21 -24.00 -8.12
N ASP A 39 4.47 -24.36 -8.32
CA ASP A 39 4.81 -25.75 -8.59
C ASP A 39 4.51 -26.68 -7.42
N PHE A 40 4.94 -26.28 -6.23
CA PHE A 40 4.61 -27.02 -5.01
C PHE A 40 3.09 -27.12 -4.82
N SER A 41 2.40 -25.99 -4.88
CA SER A 41 0.95 -26.01 -4.73
C SER A 41 0.37 -27.06 -5.66
N GLN A 42 0.85 -27.01 -6.90
CA GLN A 42 0.38 -27.85 -7.98
C GLN A 42 0.52 -29.33 -7.63
N SER A 43 1.69 -29.70 -7.15
CA SER A 43 1.96 -31.08 -6.81
C SER A 43 1.44 -31.40 -5.41
N HIS A 44 0.74 -30.45 -4.80
CA HIS A 44 0.11 -30.70 -3.51
C HIS A 44 -1.39 -30.40 -3.49
N GLN A 45 -2.07 -30.83 -4.55
CA GLN A 45 -3.51 -30.71 -4.64
C GLN A 45 -3.94 -29.24 -4.61
N ARG A 46 -3.18 -28.41 -5.33
CA ARG A 46 -3.50 -27.00 -5.44
C ARG A 46 -3.96 -26.39 -4.12
N ALA A 47 -3.29 -26.75 -3.04
CA ALA A 47 -3.59 -26.18 -1.72
C ALA A 47 -3.55 -24.65 -1.74
N TRP A 48 -2.61 -24.09 -2.49
CA TRP A 48 -2.50 -22.64 -2.57
C TRP A 48 -3.02 -22.09 -3.89
N GLY A 49 -3.64 -22.94 -4.69
CA GLY A 49 -4.04 -22.58 -6.03
C GLY A 49 -2.88 -22.19 -6.94
N ILE A 50 -3.22 -21.78 -8.16
CA ILE A 50 -2.19 -21.47 -9.15
C ILE A 50 -2.13 -20.01 -9.56
N ASP A 51 -2.95 -19.16 -8.94
CA ASP A 51 -2.91 -17.72 -9.25
C ASP A 51 -2.15 -16.92 -8.18
N MET A 52 -0.88 -16.66 -8.45
CA MET A 52 -0.01 -16.00 -7.48
C MET A 52 0.73 -14.81 -8.09
N THR A 53 0.91 -13.76 -7.30
CA THR A 53 1.58 -12.55 -7.79
C THR A 53 2.53 -11.99 -6.73
N ALA A 54 3.61 -11.38 -7.19
CA ALA A 54 4.69 -10.96 -6.29
C ALA A 54 4.90 -9.44 -6.23
N LYS A 55 5.22 -8.94 -5.04
CA LYS A 55 5.69 -7.59 -4.85
C LYS A 55 6.96 -7.71 -4.02
N VAL A 56 7.82 -6.70 -4.09
CA VAL A 56 9.05 -6.71 -3.33
C VAL A 56 9.49 -5.29 -2.92
N GLN A 57 10.07 -5.20 -1.73
CA GLN A 57 10.68 -3.99 -1.22
C GLN A 57 12.11 -4.32 -0.82
N CYS A 58 13.04 -3.42 -1.13
CA CYS A 58 14.43 -3.58 -0.70
C CYS A 58 14.89 -2.39 0.10
N ALA A 59 15.91 -2.62 0.91
CA ALA A 59 16.62 -1.53 1.52
C ALA A 59 17.47 -0.85 0.44
N PRO A 60 17.73 0.45 0.60
CA PRO A 60 18.67 1.12 -0.30
C PRO A 60 20.06 0.54 -0.09
N CYS A 61 20.81 0.29 -1.15
CA CYS A 61 22.19 -0.15 -0.99
C CYS A 61 23.03 1.01 -0.51
N LYS A 62 24.06 0.73 0.27
CA LYS A 62 25.03 1.77 0.58
C LYS A 62 26.19 1.68 -0.40
N THR A 63 26.30 2.67 -1.28
CA THR A 63 27.37 2.74 -2.27
C THR A 63 28.70 2.53 -1.55
N THR A 64 28.81 3.18 -0.39
CA THR A 64 29.99 3.17 0.45
C THR A 64 30.27 1.81 1.12
N ASP A 65 29.74 1.64 2.33
CA ASP A 65 29.92 0.44 3.13
C ASP A 65 30.10 -0.84 2.30
N PRO A 66 31.28 -1.44 2.42
CA PRO A 66 31.74 -2.60 1.64
C PRO A 66 31.22 -3.95 2.16
N TRP A 67 30.82 -3.99 3.43
N TRP A 67 30.85 -4.01 3.43
CA TRP A 67 30.26 -5.21 4.01
CA TRP A 67 30.27 -5.23 3.98
C TRP A 67 28.74 -5.16 3.94
C TRP A 67 28.75 -5.07 4.04
N ASP A 68 28.23 -4.16 3.22
CA ASP A 68 26.81 -3.95 3.12
C ASP A 68 26.10 -5.15 2.52
N VAL A 69 25.17 -5.71 3.26
CA VAL A 69 24.27 -6.73 2.73
C VAL A 69 22.84 -6.20 2.55
N VAL A 70 22.42 -6.09 1.30
CA VAL A 70 21.07 -5.63 0.95
C VAL A 70 19.96 -6.69 1.22
N LEU A 71 18.97 -6.30 2.01
CA LEU A 71 17.84 -7.17 2.39
C LEU A 71 16.57 -6.85 1.59
N CYS A 72 16.00 -7.83 0.94
CA CYS A 72 14.71 -7.60 0.31
C CYS A 72 13.59 -8.42 0.97
N THR A 73 12.46 -7.76 1.17
CA THR A 73 11.24 -8.46 1.55
C THR A 73 10.43 -8.82 0.33
N CYS A 74 10.20 -10.11 0.17
CA CYS A 74 9.45 -10.66 -0.93
C CYS A 74 8.09 -11.10 -0.37
N LYS A 75 7.01 -10.79 -1.09
CA LYS A 75 5.67 -11.08 -0.60
C LYS A 75 4.83 -11.64 -1.72
N ILE A 76 4.44 -12.90 -1.58
CA ILE A 76 3.66 -13.53 -2.62
C ILE A 76 2.24 -13.57 -2.14
N THR A 77 1.31 -13.24 -3.02
CA THR A 77 -0.10 -13.30 -2.68
C THR A 77 -0.79 -14.35 -3.52
N ALA A 78 -1.38 -15.34 -2.85
CA ALA A 78 -2.13 -16.38 -3.52
C ALA A 78 -3.60 -15.99 -3.54
N HIS A 79 -4.17 -15.97 -4.73
CA HIS A 79 -5.50 -15.41 -4.94
C HIS A 79 -6.66 -16.42 -4.78
N ARG A 80 -6.41 -17.71 -5.01
CA ARG A 80 -7.43 -18.73 -4.78
C ARG A 80 -6.89 -19.83 -3.87
N TYR A 81 -6.54 -19.41 -2.66
CA TYR A 81 -5.99 -20.23 -1.60
C TYR A 81 -7.08 -21.04 -0.92
N ARG A 82 -6.79 -22.29 -0.62
CA ARG A 82 -7.78 -23.15 0.05
C ARG A 82 -7.53 -23.18 1.54
N GLU A 83 -8.19 -22.29 2.26
CA GLU A 83 -8.05 -22.26 3.71
C GLU A 83 -8.71 -23.50 4.34
N PHE A 84 -9.55 -24.18 3.58
CA PHE A 84 -10.22 -25.39 4.06
C PHE A 84 -9.31 -26.60 3.98
N VAL A 85 -8.18 -26.45 3.31
CA VAL A 85 -7.15 -27.49 3.30
C VAL A 85 -6.17 -27.19 4.45
N PRO A 86 -5.65 -28.24 5.09
CA PRO A 86 -4.73 -28.05 6.21
C PRO A 86 -3.57 -27.13 5.82
N LYS A 87 -3.17 -26.28 6.76
CA LYS A 87 -2.11 -25.29 6.53
C LYS A 87 -0.74 -25.94 6.36
N ILE A 88 -0.13 -25.73 5.18
CA ILE A 88 1.18 -26.29 4.92
C ILE A 88 2.29 -25.35 5.42
N PRO A 89 3.23 -25.87 6.22
CA PRO A 89 4.30 -25.11 6.87
C PRO A 89 5.53 -24.91 5.98
N TYR A 90 6.27 -23.83 6.23
CA TYR A 90 7.54 -23.51 5.57
C TYR A 90 8.51 -24.70 5.55
N SER A 91 8.64 -25.37 6.68
CA SER A 91 9.48 -26.57 6.79
C SER A 91 9.19 -27.59 5.68
N SER A 92 7.95 -27.64 5.20
CA SER A 92 7.63 -28.56 4.12
C SER A 92 8.08 -28.10 2.72
N PHE A 93 8.40 -26.82 2.56
CA PHE A 93 8.74 -26.33 1.20
C PHE A 93 9.96 -25.41 1.08
N SER A 94 10.67 -25.18 2.18
CA SER A 94 11.83 -24.29 2.16
C SER A 94 13.02 -24.83 1.35
N SER A 95 12.93 -26.08 0.93
CA SER A 95 14.01 -26.73 0.17
C SER A 95 13.61 -26.82 -1.28
N ALA A 96 12.31 -26.76 -1.51
CA ALA A 96 11.73 -26.84 -2.83
C ALA A 96 12.43 -25.86 -3.76
N PRO A 97 12.52 -26.22 -5.05
CA PRO A 97 13.20 -25.40 -6.05
C PRO A 97 12.54 -24.03 -6.18
N GLY A 98 13.33 -22.99 -6.38
CA GLY A 98 12.77 -21.66 -6.52
C GLY A 98 12.50 -21.01 -5.18
N VAL A 99 12.37 -21.80 -4.12
CA VAL A 99 12.00 -21.23 -2.84
C VAL A 99 13.21 -20.67 -2.10
N ILE A 100 13.61 -19.48 -2.53
CA ILE A 100 14.88 -18.92 -2.09
C ILE A 100 14.77 -17.89 -0.99
N PHE A 101 13.56 -17.47 -0.66
CA PHE A 101 13.42 -16.52 0.45
C PHE A 101 13.52 -17.27 1.77
N ARG A 102 13.74 -16.55 2.86
CA ARG A 102 14.04 -17.21 4.12
C ARG A 102 13.42 -16.46 5.26
N GLN A 103 13.55 -17.01 6.46
CA GLN A 103 13.03 -16.32 7.61
C GLN A 103 13.51 -14.87 7.52
N GLU A 104 12.68 -13.92 7.95
CA GLU A 104 13.04 -12.52 7.82
C GLU A 104 13.87 -12.04 9.00
N THR A 105 14.81 -11.15 8.70
CA THR A 105 15.57 -10.49 9.73
C THR A 105 14.64 -9.80 10.72
N GLY A 106 14.88 -10.00 12.01
CA GLY A 106 14.06 -9.41 13.04
C GLY A 106 12.82 -10.21 13.41
N LEU A 107 12.53 -11.25 12.63
CA LEU A 107 11.39 -12.12 12.93
C LEU A 107 11.81 -13.42 13.61
N ASP A 108 11.14 -13.75 14.71
CA ASP A 108 11.48 -14.95 15.47
C ASP A 108 10.75 -16.18 14.94
N HIS A 109 10.13 -16.05 13.77
CA HIS A 109 9.48 -17.22 13.19
C HIS A 109 9.61 -17.29 11.66
N ASP A 110 9.32 -18.46 11.13
CA ASP A 110 9.43 -18.75 9.70
C ASP A 110 8.38 -18.05 8.88
N PRO A 111 8.67 -17.85 7.59
CA PRO A 111 7.69 -17.37 6.63
C PRO A 111 6.46 -18.24 6.76
N GLU A 112 5.28 -17.62 6.73
CA GLU A 112 4.04 -18.36 6.88
C GLU A 112 2.93 -17.82 5.98
N TRP A 113 2.16 -18.74 5.42
CA TRP A 113 0.94 -18.34 4.78
C TRP A 113 0.01 -17.65 5.78
N VAL A 114 -0.43 -16.45 5.41
CA VAL A 114 -1.38 -15.68 6.20
C VAL A 114 -2.63 -15.42 5.37
N VAL A 115 -3.78 -15.91 5.85
CA VAL A 115 -5.04 -15.68 5.14
C VAL A 115 -5.60 -14.29 5.40
N ASN A 116 -6.01 -13.62 4.34
CA ASN A 116 -6.63 -12.31 4.49
C ASN A 116 -8.14 -12.43 4.79
N MET A 117 -8.46 -12.33 6.08
CA MET A 117 -9.84 -12.49 6.54
C MET A 117 -10.74 -11.30 6.22
N LYS A 118 -10.16 -10.21 5.71
CA LYS A 118 -10.94 -9.03 5.31
C LYS A 118 -11.41 -9.11 3.86
N ALA A 119 -10.61 -9.74 3.01
CA ALA A 119 -10.98 -9.90 1.60
C ALA A 119 -12.17 -10.82 1.45
N ARG A 120 -12.90 -10.65 0.36
CA ARG A 120 -14.07 -11.48 0.11
C ARG A 120 -13.66 -12.86 -0.39
N THR A 121 -14.35 -13.89 0.08
CA THR A 121 -14.19 -15.23 -0.46
C THR A 121 -14.37 -15.20 -1.97
N ARG A 122 -13.75 -16.15 -2.66
CA ARG A 122 -13.94 -16.26 -4.09
C ARG A 122 -13.93 -17.73 -4.51
N GLY A 123 -14.25 -18.00 -5.77
CA GLY A 123 -14.27 -19.36 -6.25
C GLY A 123 -12.92 -20.01 -6.04
N CYS A 124 -12.88 -21.34 -6.05
CA CYS A 124 -11.60 -22.03 -5.97
C CYS A 124 -11.05 -22.30 -7.36
N ASP A 125 -11.97 -22.34 -8.33
CA ASP A 125 -11.60 -22.44 -9.74
C ASP A 125 -11.78 -21.11 -10.43
N HIS A 126 -10.81 -20.73 -11.26
CA HIS A 126 -10.97 -19.56 -12.09
C HIS A 126 -11.80 -19.89 -13.32
N HIS A 127 -12.71 -19.01 -13.67
CA HIS A 127 -13.47 -19.16 -14.90
C HIS A 127 -13.20 -18.00 -15.85
N HIS A 128 -12.68 -18.31 -17.03
CA HIS A 128 -12.27 -17.29 -17.98
C HIS A 128 -13.45 -16.61 -18.70
N HIS A 129 -14.56 -17.32 -18.82
CA HIS A 129 -15.69 -16.78 -19.55
C HIS A 129 -17.03 -17.03 -18.86
N HIS A 130 -18.05 -16.32 -19.36
CA HIS A 130 -19.45 -16.55 -18.99
C HIS A 130 -20.30 -15.33 -19.33
N VAL B 3 21.06 14.03 -10.97
CA VAL B 3 20.37 13.06 -10.12
C VAL B 3 18.93 12.72 -10.56
N CYS B 4 18.42 11.63 -10.00
CA CYS B 4 17.12 11.11 -10.36
C CYS B 4 16.21 10.95 -9.16
N ARG B 5 14.96 10.65 -9.43
CA ARG B 5 14.07 10.23 -8.38
C ARG B 5 13.33 8.99 -8.81
N GLU B 6 12.32 8.65 -8.03
CA GLU B 6 11.42 7.62 -8.44
C GLU B 6 10.18 8.28 -8.98
N ALA B 7 9.61 7.67 -10.01
CA ALA B 7 8.45 8.22 -10.66
C ALA B 7 7.55 7.06 -11.02
N SER B 8 6.26 7.35 -11.20
CA SER B 8 5.29 6.32 -11.48
C SER B 8 4.30 6.79 -12.51
N ILE B 9 3.88 5.87 -13.36
CA ILE B 9 2.83 6.20 -14.29
C ILE B 9 1.76 5.11 -14.28
N SER B 10 0.50 5.53 -14.22
CA SER B 10 -0.63 4.61 -14.24
C SER B 10 -1.43 4.68 -15.54
N GLY B 11 -2.00 3.54 -15.95
CA GLY B 11 -2.83 3.47 -17.13
C GLY B 11 -3.86 2.36 -16.98
N GLU B 12 -4.92 2.41 -17.77
CA GLU B 12 -6.01 1.47 -17.63
C GLU B 12 -6.00 0.40 -18.71
N ILE B 13 -6.48 -0.77 -18.35
CA ILE B 13 -6.57 -1.89 -19.28
C ILE B 13 -7.86 -2.62 -18.99
N ARG B 14 -8.63 -2.87 -20.05
CA ARG B 14 -9.90 -3.54 -19.90
C ARG B 14 -9.93 -4.88 -20.62
N TYR B 15 -10.96 -5.68 -20.35
CA TYR B 15 -11.07 -6.99 -20.97
C TYR B 15 -12.43 -7.17 -21.63
N PRO B 16 -12.49 -8.03 -22.65
CA PRO B 16 -13.72 -8.32 -23.38
C PRO B 16 -14.84 -8.66 -22.43
N GLN B 17 -16.04 -8.16 -22.73
CA GLN B 17 -17.19 -8.48 -21.91
C GLN B 17 -17.27 -10.00 -21.67
N GLY B 18 -17.70 -10.39 -20.48
CA GLY B 18 -17.93 -11.79 -20.17
C GLY B 18 -16.68 -12.54 -19.74
N THR B 19 -15.52 -11.98 -20.09
CA THR B 19 -14.24 -12.59 -19.77
C THR B 19 -13.80 -12.19 -18.37
N CYS B 20 -12.87 -12.98 -17.82
CA CYS B 20 -12.30 -12.72 -16.50
C CYS B 20 -10.85 -13.17 -16.47
N PRO B 21 -9.92 -12.21 -16.47
CA PRO B 21 -8.50 -12.54 -16.50
C PRO B 21 -8.11 -13.01 -15.12
N THR B 22 -7.04 -13.79 -15.00
CA THR B 22 -6.51 -14.09 -13.68
C THR B 22 -5.63 -12.91 -13.29
N LYS B 23 -5.31 -12.80 -12.00
CA LYS B 23 -4.43 -11.75 -11.56
C LYS B 23 -3.14 -11.84 -12.33
N THR B 24 -2.75 -13.07 -12.64
CA THR B 24 -1.47 -13.35 -13.28
C THR B 24 -1.44 -12.83 -14.69
N GLU B 25 -2.47 -13.12 -15.46
CA GLU B 25 -2.47 -12.61 -16.82
C GLU B 25 -2.65 -11.09 -16.84
N ALA B 26 -3.32 -10.54 -15.83
CA ALA B 26 -3.45 -9.08 -15.78
C ALA B 26 -2.09 -8.46 -15.51
N LEU B 27 -1.34 -9.04 -14.59
CA LEU B 27 0.00 -8.52 -14.31
C LEU B 27 0.94 -8.72 -15.51
N ASN B 28 0.79 -9.85 -16.16
CA ASN B 28 1.60 -10.10 -17.34
C ASN B 28 1.36 -9.03 -18.43
N ASP B 29 0.10 -8.64 -18.60
CA ASP B 29 -0.24 -7.59 -19.55
C ASP B 29 0.34 -6.25 -19.11
N CYS B 30 0.16 -5.94 -17.84
CA CYS B 30 0.73 -4.73 -17.30
C CYS B 30 2.24 -4.71 -17.51
N ASN B 31 2.87 -5.89 -17.47
CA ASN B 31 4.32 -5.97 -17.71
C ASN B 31 4.66 -5.86 -19.20
N LYS B 32 3.66 -6.08 -20.06
CA LYS B 32 3.81 -5.75 -21.48
C LYS B 32 4.08 -4.26 -21.68
N VAL B 33 3.41 -3.40 -20.90
CA VAL B 33 3.70 -1.96 -20.98
C VAL B 33 5.01 -1.60 -20.28
N THR B 34 5.35 -2.34 -19.23
CA THR B 34 6.66 -2.20 -18.58
C THR B 34 7.80 -2.26 -19.62
N LYS B 35 7.75 -3.28 -20.47
CA LYS B 35 8.76 -3.44 -21.50
C LYS B 35 8.77 -2.23 -22.45
N GLY B 36 7.59 -1.85 -22.93
CA GLY B 36 7.45 -0.69 -23.79
C GLY B 36 8.09 0.58 -23.24
N LEU B 37 7.71 0.96 -22.02
CA LEU B 37 8.25 2.16 -21.41
C LEU B 37 9.78 2.14 -21.36
N ILE B 38 10.34 0.96 -21.13
CA ILE B 38 11.79 0.82 -21.06
C ILE B 38 12.42 0.97 -22.43
N ASP B 39 11.82 0.35 -23.43
CA ASP B 39 12.32 0.43 -24.78
C ASP B 39 12.24 1.88 -25.22
N PHE B 40 11.12 2.51 -24.90
CA PHE B 40 10.92 3.92 -25.21
C PHE B 40 11.90 4.81 -24.44
N SER B 41 12.06 4.55 -23.14
CA SER B 41 13.05 5.29 -22.35
C SER B 41 14.39 5.13 -23.01
N GLN B 42 14.62 3.92 -23.53
CA GLN B 42 15.90 3.60 -24.14
C GLN B 42 16.18 4.46 -25.37
N SER B 43 15.15 4.64 -26.20
CA SER B 43 15.25 5.39 -27.44
C SER B 43 15.40 6.86 -27.14
N HIS B 44 15.07 7.25 -25.92
CA HIS B 44 15.03 8.66 -25.58
C HIS B 44 15.97 9.01 -24.45
N GLN B 45 17.19 8.50 -24.56
CA GLN B 45 18.28 8.81 -23.62
C GLN B 45 17.97 8.42 -22.18
N ARG B 46 17.25 7.31 -21.99
CA ARG B 46 16.96 6.82 -20.65
C ARG B 46 16.46 7.96 -19.75
N ALA B 47 15.57 8.78 -20.29
CA ALA B 47 14.95 9.82 -19.50
C ALA B 47 14.31 9.17 -18.29
N TRP B 48 13.69 8.02 -18.52
CA TRP B 48 13.02 7.32 -17.44
C TRP B 48 13.87 6.21 -16.85
N GLY B 49 15.14 6.17 -17.20
CA GLY B 49 15.98 5.10 -16.74
C GLY B 49 15.53 3.78 -17.35
N ILE B 50 15.99 2.66 -16.80
CA ILE B 50 15.59 1.35 -17.31
C ILE B 50 15.17 0.38 -16.23
N ASP B 51 15.29 0.81 -14.98
CA ASP B 51 14.82 0.02 -13.86
C ASP B 51 13.35 0.33 -13.56
N MET B 52 12.45 -0.45 -14.13
CA MET B 52 11.02 -0.27 -13.88
C MET B 52 10.34 -1.52 -13.29
N THR B 53 9.34 -1.30 -12.44
CA THR B 53 8.60 -2.42 -11.84
C THR B 53 7.08 -2.16 -11.87
N ALA B 54 6.31 -3.23 -12.03
CA ALA B 54 4.87 -3.13 -12.28
C ALA B 54 4.03 -3.70 -11.15
N LYS B 55 2.89 -3.06 -10.90
CA LYS B 55 1.86 -3.57 -10.01
C LYS B 55 0.53 -3.41 -10.74
N VAL B 56 -0.45 -4.22 -10.39
CA VAL B 56 -1.75 -4.17 -11.04
C VAL B 56 -2.83 -4.44 -10.02
N GLN B 57 -3.98 -3.80 -10.24
CA GLN B 57 -5.15 -4.03 -9.41
C GLN B 57 -6.33 -4.09 -10.35
N CYS B 58 -7.22 -5.02 -10.12
CA CYS B 58 -8.33 -5.23 -11.03
C CYS B 58 -9.60 -5.14 -10.26
N ALA B 59 -10.65 -4.69 -10.94
CA ALA B 59 -11.98 -4.83 -10.38
C ALA B 59 -12.24 -6.32 -10.29
N PRO B 60 -13.01 -6.75 -9.28
CA PRO B 60 -13.38 -8.17 -9.19
C PRO B 60 -14.30 -8.52 -10.35
N CYS B 61 -14.28 -9.77 -10.78
CA CYS B 61 -15.14 -10.21 -11.87
C CYS B 61 -16.58 -10.36 -11.36
N LYS B 62 -17.55 -10.06 -12.23
CA LYS B 62 -18.92 -10.46 -11.95
C LYS B 62 -19.22 -11.72 -12.72
N THR B 63 -19.31 -12.84 -12.03
CA THR B 63 -19.55 -14.13 -12.67
C THR B 63 -20.99 -14.21 -13.17
N THR B 64 -21.91 -13.61 -12.41
CA THR B 64 -23.33 -13.58 -12.77
C THR B 64 -23.64 -12.68 -13.99
N ASP B 65 -22.82 -11.68 -14.27
CA ASP B 65 -23.10 -10.73 -15.34
C ASP B 65 -22.37 -11.11 -16.64
N PRO B 66 -23.14 -11.53 -17.64
CA PRO B 66 -22.55 -11.97 -18.91
C PRO B 66 -21.92 -10.85 -19.73
N TRP B 67 -22.13 -9.58 -19.36
CA TRP B 67 -21.54 -8.48 -20.13
C TRP B 67 -20.48 -7.75 -19.33
N ASP B 68 -20.23 -8.21 -18.12
CA ASP B 68 -19.20 -7.62 -17.30
C ASP B 68 -17.90 -7.36 -18.06
N VAL B 69 -17.36 -6.15 -17.89
CA VAL B 69 -16.06 -5.80 -18.45
C VAL B 69 -15.15 -5.44 -17.29
N VAL B 70 -13.99 -6.10 -17.23
CA VAL B 70 -13.07 -5.92 -16.11
C VAL B 70 -12.09 -4.80 -16.39
N LEU B 71 -11.94 -3.89 -15.43
CA LEU B 71 -11.00 -2.79 -15.51
C LEU B 71 -9.82 -3.05 -14.63
N CYS B 72 -8.63 -2.90 -15.19
CA CYS B 72 -7.42 -3.04 -14.39
C CYS B 72 -6.56 -1.80 -14.47
N THR B 73 -6.06 -1.37 -13.32
CA THR B 73 -5.06 -0.31 -13.30
C THR B 73 -3.64 -0.89 -13.29
N CYS B 74 -2.88 -0.49 -14.30
CA CYS B 74 -1.50 -0.88 -14.44
C CYS B 74 -0.60 0.27 -13.96
N LYS B 75 0.07 0.09 -12.83
CA LYS B 75 0.99 1.10 -12.30
C LYS B 75 2.46 0.68 -12.40
N ILE B 76 3.24 1.44 -13.17
CA ILE B 76 4.64 1.15 -13.45
C ILE B 76 5.50 2.19 -12.76
N THR B 77 6.53 1.73 -12.09
CA THR B 77 7.38 2.59 -11.30
C THR B 77 8.78 2.59 -11.88
N ALA B 78 9.23 3.74 -12.36
CA ALA B 78 10.60 3.91 -12.84
C ALA B 78 11.48 4.35 -11.66
N HIS B 79 12.56 3.62 -11.42
CA HIS B 79 13.36 3.84 -10.20
C HIS B 79 14.56 4.78 -10.35
N ARG B 80 15.02 4.99 -11.58
CA ARG B 80 16.10 5.96 -11.83
C ARG B 80 15.68 6.92 -12.94
N TYR B 81 14.78 7.82 -12.56
CA TYR B 81 14.10 8.74 -13.45
C TYR B 81 14.70 10.16 -13.33
N ARG B 82 15.21 10.69 -14.43
CA ARG B 82 15.78 12.02 -14.43
C ARG B 82 14.66 13.02 -14.39
N GLU B 83 14.59 13.81 -13.33
CA GLU B 83 13.55 14.83 -13.24
C GLU B 83 13.98 16.06 -14.03
N PHE B 84 15.28 16.29 -14.08
CA PHE B 84 15.87 17.46 -14.73
C PHE B 84 15.65 17.50 -16.25
N VAL B 85 15.02 16.47 -16.80
CA VAL B 85 14.81 16.40 -18.24
C VAL B 85 13.34 16.70 -18.59
N PRO B 86 13.11 17.31 -19.77
CA PRO B 86 11.77 17.60 -20.27
C PRO B 86 10.83 16.41 -20.11
N LYS B 87 9.69 16.64 -19.46
CA LYS B 87 8.72 15.59 -19.21
C LYS B 87 8.05 15.14 -20.50
N ILE B 88 8.32 13.90 -20.90
CA ILE B 88 7.72 13.33 -22.11
C ILE B 88 6.26 12.97 -21.82
N PRO B 89 5.33 13.40 -22.69
CA PRO B 89 3.89 13.25 -22.46
C PRO B 89 3.34 11.94 -23.03
N TYR B 90 2.29 11.43 -22.42
CA TYR B 90 1.56 10.30 -22.97
C TYR B 90 1.46 10.39 -24.49
N SER B 91 0.95 11.52 -24.99
CA SER B 91 0.78 11.72 -26.43
C SER B 91 1.99 11.22 -27.23
N SER B 92 3.19 11.46 -26.70
CA SER B 92 4.45 11.08 -27.35
C SER B 92 4.76 9.59 -27.38
N PHE B 93 3.98 8.76 -26.70
CA PHE B 93 4.32 7.34 -26.67
C PHE B 93 3.14 6.36 -26.56
N SER B 94 1.93 6.90 -26.54
CA SER B 94 0.73 6.09 -26.40
C SER B 94 0.63 5.05 -27.51
N SER B 95 1.51 5.16 -28.50
CA SER B 95 1.43 4.30 -29.66
C SER B 95 2.64 3.39 -29.73
N ALA B 96 3.68 3.74 -28.96
CA ALA B 96 4.88 2.93 -28.96
C ALA B 96 4.50 1.49 -28.60
N PRO B 97 5.33 0.53 -29.03
CA PRO B 97 5.08 -0.91 -28.85
C PRO B 97 4.94 -1.35 -27.39
N GLY B 98 3.84 -2.05 -27.09
CA GLY B 98 3.64 -2.62 -25.78
C GLY B 98 2.95 -1.65 -24.83
N VAL B 99 2.86 -0.39 -25.23
CA VAL B 99 2.24 0.60 -24.38
C VAL B 99 0.73 0.47 -24.53
N ILE B 100 0.17 -0.51 -23.85
CA ILE B 100 -1.21 -0.86 -24.09
C ILE B 100 -2.21 -0.28 -23.11
N PHE B 101 -1.74 0.32 -22.03
CA PHE B 101 -2.68 0.95 -21.10
C PHE B 101 -3.25 2.24 -21.69
N ARG B 102 -4.35 2.71 -21.12
CA ARG B 102 -5.09 3.87 -21.66
C ARG B 102 -5.60 4.77 -20.56
N GLN B 103 -5.97 5.99 -20.92
CA GLN B 103 -6.60 6.90 -19.99
C GLN B 103 -7.57 6.19 -19.06
N GLU B 104 -7.46 6.46 -17.78
CA GLU B 104 -8.29 5.83 -16.78
C GLU B 104 -9.72 6.36 -16.73
N THR B 105 -10.66 5.44 -16.62
CA THR B 105 -12.05 5.77 -16.40
C THR B 105 -12.19 6.65 -15.17
N GLY B 106 -12.92 7.76 -15.32
CA GLY B 106 -13.16 8.67 -14.21
C GLY B 106 -12.08 9.73 -14.13
N LEU B 107 -11.14 9.66 -15.07
CA LEU B 107 -10.04 10.61 -15.12
C LEU B 107 -10.20 11.42 -16.40
N ASP B 108 -9.99 12.73 -16.32
CA ASP B 108 -10.16 13.57 -17.49
C ASP B 108 -8.85 13.99 -18.14
N HIS B 109 -7.74 13.43 -17.67
CA HIS B 109 -6.47 13.63 -18.34
C HIS B 109 -5.83 12.27 -18.62
N ASP B 110 -4.83 12.28 -19.49
CA ASP B 110 -4.11 11.09 -19.85
C ASP B 110 -3.14 10.62 -18.76
N PRO B 111 -2.61 9.40 -18.91
CA PRO B 111 -1.52 8.89 -18.08
C PRO B 111 -0.28 9.78 -18.14
N GLU B 112 0.25 10.14 -16.98
CA GLU B 112 1.37 11.05 -16.92
C GLU B 112 2.40 10.50 -15.93
N TRP B 113 3.68 10.61 -16.27
CA TRP B 113 4.71 10.32 -15.28
C TRP B 113 4.55 11.23 -14.07
N VAL B 114 4.74 10.68 -12.88
CA VAL B 114 4.57 11.45 -11.65
C VAL B 114 5.72 11.16 -10.71
N VAL B 115 6.52 12.18 -10.42
CA VAL B 115 7.72 12.02 -9.60
C VAL B 115 7.40 11.93 -8.10
N ASN B 116 7.92 10.88 -7.47
CA ASN B 116 7.79 10.72 -6.02
C ASN B 116 8.73 11.67 -5.29
N MET B 117 8.17 12.77 -4.79
CA MET B 117 8.96 13.77 -4.09
C MET B 117 9.29 13.36 -2.67
N LYS B 118 8.45 12.52 -2.07
CA LYS B 118 8.70 12.08 -0.71
C LYS B 118 9.87 11.10 -0.60
N ALA B 119 10.45 10.68 -1.72
CA ALA B 119 11.52 9.67 -1.67
C ALA B 119 12.88 10.22 -2.04
N ARG B 120 13.89 9.74 -1.32
CA ARG B 120 15.29 10.08 -1.55
C ARG B 120 15.60 10.26 -3.02
N THR B 121 16.37 11.29 -3.33
CA THR B 121 16.95 11.40 -4.66
C THR B 121 17.95 10.27 -4.75
N ARG B 122 18.22 9.79 -5.96
CA ARG B 122 19.20 8.73 -6.12
C ARG B 122 19.93 8.90 -7.43
N GLY B 123 20.97 8.11 -7.64
CA GLY B 123 21.72 8.16 -8.87
C GLY B 123 20.84 7.94 -10.09
N CYS B 124 21.40 8.15 -11.27
CA CYS B 124 20.68 7.85 -12.51
C CYS B 124 21.30 6.64 -13.17
N ASP B 125 22.48 6.28 -12.67
CA ASP B 125 23.15 5.05 -13.05
C ASP B 125 23.22 4.09 -11.86
N HIS B 126 23.09 2.81 -12.16
CA HIS B 126 23.16 1.79 -11.12
C HIS B 126 24.53 1.13 -11.13
N HIS B 127 25.16 1.05 -9.96
CA HIS B 127 26.36 0.22 -9.77
C HIS B 127 26.07 -1.06 -8.98
N HIS B 128 26.41 -2.21 -9.55
CA HIS B 128 26.15 -3.49 -8.91
C HIS B 128 27.16 -3.87 -7.84
N HIS B 129 28.29 -3.18 -7.81
CA HIS B 129 29.41 -3.54 -6.93
C HIS B 129 30.06 -2.35 -6.22
N HIS B 130 30.89 -2.65 -5.22
CA HIS B 130 31.68 -1.66 -4.45
C HIS B 130 31.97 -2.12 -3.02
N ALA C 1 -32.45 2.27 -4.82
CA ALA C 1 -31.67 3.39 -4.27
C ALA C 1 -30.47 3.72 -5.15
N TYR C 2 -29.72 4.74 -4.76
CA TYR C 2 -28.49 5.09 -5.43
C TYR C 2 -27.28 4.41 -4.80
N VAL C 3 -26.30 4.09 -5.62
CA VAL C 3 -25.08 3.53 -5.07
C VAL C 3 -23.94 4.54 -5.08
N CYS C 4 -23.16 4.48 -4.01
CA CYS C 4 -21.96 5.28 -3.90
C CYS C 4 -20.73 4.45 -4.25
N ARG C 5 -19.56 5.07 -4.20
CA ARG C 5 -18.32 4.40 -4.52
C ARG C 5 -17.25 4.98 -3.64
N GLU C 6 -16.09 4.35 -3.63
CA GLU C 6 -14.93 4.90 -2.95
C GLU C 6 -14.23 5.96 -3.80
N ALA C 7 -13.85 7.06 -3.17
CA ALA C 7 -13.09 8.08 -3.88
C ALA C 7 -11.98 8.67 -3.03
N SER C 8 -10.92 9.12 -3.67
CA SER C 8 -9.84 9.78 -2.96
C SER C 8 -9.45 11.09 -3.58
N ILE C 9 -8.87 11.95 -2.76
CA ILE C 9 -8.33 13.18 -3.27
C ILE C 9 -6.99 13.43 -2.57
N SER C 10 -6.00 13.85 -3.36
CA SER C 10 -4.64 14.02 -2.85
C SER C 10 -4.15 15.44 -2.99
N GLY C 11 -3.37 15.87 -2.01
CA GLY C 11 -2.88 17.23 -1.98
C GLY C 11 -1.57 17.30 -1.23
N GLU C 12 -0.92 18.45 -1.29
CA GLU C 12 0.37 18.60 -0.67
C GLU C 12 0.31 19.61 0.46
N ILE C 13 1.05 19.34 1.51
CA ILE C 13 1.18 20.29 2.60
C ILE C 13 2.67 20.52 2.82
N ARG C 14 3.07 21.79 2.84
CA ARG C 14 4.48 22.13 3.00
C ARG C 14 4.77 22.72 4.36
N TYR C 15 6.02 22.55 4.81
CA TYR C 15 6.43 23.07 6.11
C TYR C 15 7.50 24.17 6.03
N PRO C 16 7.54 25.06 7.03
CA PRO C 16 8.44 26.21 6.98
C PRO C 16 9.87 25.77 6.87
N GLN C 17 10.66 26.46 6.06
CA GLN C 17 12.05 26.04 5.86
C GLN C 17 12.78 25.75 7.18
N GLY C 18 13.71 24.80 7.14
CA GLY C 18 14.49 24.47 8.31
C GLY C 18 13.68 23.91 9.47
N THR C 19 12.47 23.43 9.18
CA THR C 19 11.68 22.78 10.22
C THR C 19 11.36 21.33 9.88
N CYS C 20 10.77 20.64 10.85
CA CYS C 20 10.59 19.20 10.73
C CYS C 20 9.44 18.75 11.58
N PRO C 21 8.34 18.38 10.93
CA PRO C 21 7.14 17.92 11.62
C PRO C 21 7.37 16.47 12.00
N THR C 22 6.81 16.04 13.13
CA THR C 22 6.73 14.64 13.44
C THR C 22 5.69 14.04 12.51
N LYS C 23 5.74 12.73 12.29
CA LYS C 23 4.76 12.09 11.42
C LYS C 23 3.38 12.30 12.01
N THR C 24 3.32 12.34 13.33
CA THR C 24 2.07 12.56 14.03
C THR C 24 1.44 13.89 13.70
N GLU C 25 2.18 14.98 13.79
CA GLU C 25 1.59 16.28 13.49
C GLU C 25 1.19 16.41 12.01
N ALA C 26 2.00 15.81 11.14
CA ALA C 26 1.67 15.85 9.71
C ALA C 26 0.33 15.18 9.42
N LEU C 27 0.13 13.99 9.99
CA LEU C 27 -1.15 13.32 9.88
C LEU C 27 -2.25 14.16 10.53
N ASN C 28 -1.90 14.87 11.59
CA ASN C 28 -2.89 15.70 12.25
C ASN C 28 -3.33 16.85 11.34
N ASP C 29 -2.36 17.49 10.70
CA ASP C 29 -2.63 18.54 9.73
C ASP C 29 -3.51 18.02 8.63
N CYS C 30 -3.11 16.86 8.12
CA CYS C 30 -3.83 16.22 7.06
C CYS C 30 -5.27 15.96 7.50
N ASN C 31 -5.47 15.55 8.75
CA ASN C 31 -6.81 15.38 9.27
C ASN C 31 -7.60 16.68 9.46
N LYS C 32 -6.92 17.83 9.36
CA LYS C 32 -7.63 19.09 9.37
C LYS C 32 -8.38 19.25 8.04
N VAL C 33 -7.75 18.83 6.96
CA VAL C 33 -8.43 18.84 5.69
C VAL C 33 -9.50 17.77 5.61
N THR C 34 -9.32 16.67 6.32
CA THR C 34 -10.37 15.67 6.40
C THR C 34 -11.65 16.31 6.96
N LYS C 35 -11.50 16.95 8.11
CA LYS C 35 -12.62 17.59 8.77
C LYS C 35 -13.22 18.66 7.85
N GLY C 36 -12.36 19.47 7.25
CA GLY C 36 -12.78 20.47 6.30
C GLY C 36 -13.64 19.91 5.18
N LEU C 37 -13.21 18.80 4.58
CA LEU C 37 -13.96 18.21 3.48
C LEU C 37 -15.30 17.65 3.94
N ILE C 38 -15.33 17.07 5.13
CA ILE C 38 -16.56 16.54 5.65
C ILE C 38 -17.57 17.67 5.83
N ASP C 39 -17.08 18.81 6.32
CA ASP C 39 -17.94 19.97 6.51
C ASP C 39 -18.49 20.53 5.20
N PHE C 40 -17.62 20.72 4.22
CA PHE C 40 -18.04 21.12 2.88
C PHE C 40 -19.03 20.11 2.29
N SER C 41 -18.66 18.83 2.29
CA SER C 41 -19.56 17.80 1.76
C SER C 41 -20.94 17.98 2.39
N GLN C 42 -20.93 18.17 3.71
CA GLN C 42 -22.12 18.26 4.52
C GLN C 42 -23.02 19.39 4.05
N SER C 43 -22.42 20.56 3.87
CA SER C 43 -23.15 21.72 3.45
C SER C 43 -23.36 21.72 1.93
N HIS C 44 -22.94 20.65 1.27
CA HIS C 44 -23.18 20.50 -0.17
C HIS C 44 -23.90 19.22 -0.54
N GLN C 45 -24.94 18.90 0.23
CA GLN C 45 -25.79 17.75 -0.05
C GLN C 45 -24.99 16.46 0.00
N ARG C 46 -24.09 16.35 0.99
CA ARG C 46 -23.29 15.15 1.18
C ARG C 46 -22.79 14.56 -0.15
N ALA C 47 -22.34 15.42 -1.05
CA ALA C 47 -21.78 14.97 -2.32
C ALA C 47 -20.65 13.96 -2.11
N TRP C 48 -19.84 14.16 -1.08
CA TRP C 48 -18.74 13.26 -0.81
C TRP C 48 -19.01 12.36 0.38
N GLY C 49 -20.24 12.40 0.89
CA GLY C 49 -20.56 11.69 2.11
C GLY C 49 -19.80 12.17 3.33
N ILE C 50 -20.05 11.53 4.47
CA ILE C 50 -19.43 11.94 5.71
C ILE C 50 -18.44 10.95 6.29
N ASP C 51 -18.16 9.85 5.58
CA ASP C 51 -17.19 8.86 6.05
C ASP C 51 -15.84 8.99 5.32
N MET C 52 -14.91 9.71 5.94
CA MET C 52 -13.62 10.01 5.32
C MET C 52 -12.44 9.67 6.24
N THR C 53 -11.36 9.16 5.66
CA THR C 53 -10.20 8.78 6.45
C THR C 53 -8.91 9.23 5.75
N ALA C 54 -7.89 9.54 6.54
CA ALA C 54 -6.66 10.14 6.02
C ALA C 54 -5.41 9.27 6.18
N LYS C 55 -4.55 9.32 5.19
CA LYS C 55 -3.20 8.76 5.29
C LYS C 55 -2.26 9.86 4.82
N VAL C 56 -1.01 9.79 5.23
CA VAL C 56 -0.03 10.78 4.82
C VAL C 56 1.38 10.20 4.71
N GLN C 57 2.13 10.68 3.72
CA GLN C 57 3.53 10.37 3.55
C GLN C 57 4.30 11.67 3.50
N CYS C 58 5.46 11.70 4.14
CA CYS C 58 6.34 12.87 4.08
C CYS C 58 7.71 12.49 3.58
N ALA C 59 8.40 13.48 3.04
CA ALA C 59 9.81 13.32 2.76
C ALA C 59 10.56 13.36 4.10
N PRO C 60 11.71 12.69 4.16
CA PRO C 60 12.56 12.81 5.35
C PRO C 60 13.07 14.24 5.45
N CYS C 61 13.09 14.81 6.65
CA CYS C 61 13.68 16.14 6.81
C CYS C 61 15.20 16.03 6.68
N LYS C 62 15.86 17.06 6.17
CA LYS C 62 17.31 17.09 6.25
C LYS C 62 17.71 17.90 7.49
N THR C 63 18.27 17.19 8.48
CA THR C 63 18.75 17.81 9.72
C THR C 63 19.62 19.00 9.34
N THR C 64 20.47 18.77 8.34
CA THR C 64 21.44 19.73 7.84
C THR C 64 20.81 20.93 7.12
N ASP C 65 20.67 20.81 5.80
CA ASP C 65 20.11 21.84 4.94
C ASP C 65 19.07 22.74 5.63
N PRO C 66 19.41 24.03 5.77
CA PRO C 66 18.65 25.06 6.50
C PRO C 66 17.49 25.66 5.70
N TRP C 67 17.54 25.54 4.38
N TRP C 67 17.55 25.58 4.38
CA TRP C 67 16.45 26.03 3.53
CA TRP C 67 16.44 26.04 3.55
C TRP C 67 15.51 24.87 3.20
C TRP C 67 15.59 24.84 3.12
N ASP C 68 15.72 23.75 3.87
CA ASP C 68 14.94 22.56 3.62
C ASP C 68 13.46 22.79 3.87
N VAL C 69 12.66 22.58 2.85
CA VAL C 69 11.21 22.56 3.00
C VAL C 69 10.64 21.14 2.86
N VAL C 70 10.11 20.61 3.96
CA VAL C 70 9.51 19.28 3.98
C VAL C 70 8.11 19.22 3.32
N LEU C 71 7.96 18.33 2.34
CA LEU C 71 6.72 18.15 1.59
C LEU C 71 5.94 16.92 2.04
N CYS C 72 4.69 17.09 2.42
CA CYS C 72 3.87 15.92 2.71
C CYS C 72 2.74 15.73 1.70
N THR C 73 2.55 14.49 1.26
CA THR C 73 1.36 14.12 0.49
C THR C 73 0.27 13.63 1.42
N CYS C 74 -0.86 14.31 1.35
CA CYS C 74 -2.02 14.00 2.15
C CYS C 74 -3.06 13.39 1.22
N LYS C 75 -3.69 12.31 1.65
CA LYS C 75 -4.64 11.58 0.80
C LYS C 75 -5.87 11.23 1.59
N ILE C 76 -6.99 11.83 1.21
CA ILE C 76 -8.22 11.57 1.94
C ILE C 76 -9.03 10.62 1.09
N THR C 77 -9.62 9.61 1.73
CA THR C 77 -10.46 8.67 1.02
C THR C 77 -11.88 8.79 1.53
N ALA C 78 -12.79 9.10 0.60
CA ALA C 78 -14.21 9.18 0.93
C ALA C 78 -14.85 7.83 0.62
N HIS C 79 -15.52 7.27 1.61
CA HIS C 79 -16.02 5.90 1.53
C HIS C 79 -17.45 5.77 0.96
N ARG C 80 -18.28 6.80 1.08
CA ARG C 80 -19.61 6.77 0.48
C ARG C 80 -19.84 8.02 -0.40
N TYR C 81 -18.99 8.11 -1.42
CA TYR C 81 -18.96 9.20 -2.36
C TYR C 81 -20.05 9.04 -3.41
N ARG C 82 -20.71 10.14 -3.75
CA ARG C 82 -21.78 10.09 -4.76
C ARG C 82 -21.24 10.45 -6.12
N GLU C 83 -20.84 9.45 -6.89
CA GLU C 83 -20.34 9.71 -8.23
C GLU C 83 -21.49 10.14 -9.15
N PHE C 84 -22.72 9.89 -8.73
CA PHE C 84 -23.89 10.28 -9.51
C PHE C 84 -24.23 11.76 -9.33
N VAL C 85 -23.57 12.40 -8.38
CA VAL C 85 -23.67 13.85 -8.23
C VAL C 85 -22.53 14.49 -9.03
N PRO C 86 -22.80 15.66 -9.62
CA PRO C 86 -21.78 16.32 -10.43
C PRO C 86 -20.48 16.50 -9.64
N LYS C 87 -19.36 16.32 -10.32
CA LYS C 87 -18.03 16.39 -9.72
C LYS C 87 -17.68 17.80 -9.28
N ILE C 88 -17.45 17.98 -7.98
CA ILE C 88 -17.08 19.27 -7.44
C ILE C 88 -15.57 19.49 -7.53
N PRO C 89 -15.14 20.62 -8.12
CA PRO C 89 -13.73 20.97 -8.34
C PRO C 89 -13.04 21.62 -7.15
N TYR C 90 -11.73 21.46 -7.07
CA TYR C 90 -10.86 22.09 -6.08
C TYR C 90 -11.11 23.60 -5.93
N SER C 91 -11.20 24.28 -7.07
CA SER C 91 -11.53 25.71 -7.09
C SER C 91 -12.75 26.06 -6.23
N SER C 92 -13.69 25.13 -6.09
CA SER C 92 -14.85 25.40 -5.24
C SER C 92 -14.59 25.25 -3.74
N PHE C 93 -13.50 24.59 -3.34
CA PHE C 93 -13.29 24.37 -1.90
C PHE C 93 -11.89 24.61 -1.36
N SER C 94 -10.98 25.09 -2.19
CA SER C 94 -9.60 25.34 -1.77
C SER C 94 -9.46 26.47 -0.75
N SER C 95 -10.53 27.21 -0.52
CA SER C 95 -10.51 28.33 0.41
C SER C 95 -11.22 27.93 1.69
N ALA C 96 -12.07 26.94 1.56
CA ALA C 96 -12.83 26.41 2.69
C ALA C 96 -11.91 26.16 3.88
N PRO C 97 -12.46 26.32 5.09
CA PRO C 97 -11.69 26.15 6.33
C PRO C 97 -11.15 24.71 6.43
N GLY C 98 -9.94 24.56 6.94
CA GLY C 98 -9.36 23.24 7.11
C GLY C 98 -8.72 22.74 5.82
N VAL C 99 -9.11 23.31 4.68
CA VAL C 99 -8.59 22.81 3.42
C VAL C 99 -7.22 23.38 3.11
N ILE C 100 -6.21 22.83 3.75
CA ILE C 100 -4.88 23.42 3.74
C ILE C 100 -3.92 22.78 2.76
N PHE C 101 -4.30 21.65 2.16
CA PHE C 101 -3.40 21.04 1.19
C PHE C 101 -3.53 21.77 -0.14
N ARG C 102 -2.58 21.57 -1.03
CA ARG C 102 -2.53 22.38 -2.24
C ARG C 102 -2.09 21.56 -3.42
N GLN C 103 -2.09 22.16 -4.59
CA GLN C 103 -1.61 21.45 -5.74
C GLN C 103 -0.28 20.80 -5.36
N GLU C 104 -0.02 19.60 -5.88
CA GLU C 104 1.20 18.90 -5.51
C GLU C 104 2.39 19.33 -6.35
N THR C 105 3.55 19.39 -5.71
CA THR C 105 4.80 19.60 -6.43
C THR C 105 4.97 18.56 -7.53
N GLY C 106 5.31 19.03 -8.73
CA GLY C 106 5.50 18.15 -9.87
C GLY C 106 4.21 17.83 -10.63
N LEU C 107 3.08 18.23 -10.08
CA LEU C 107 1.80 18.03 -10.77
C LEU C 107 1.30 19.29 -11.47
N ASP C 108 0.93 19.16 -12.74
CA ASP C 108 0.47 20.31 -13.51
C ASP C 108 -1.03 20.54 -13.34
N HIS C 109 -1.64 19.89 -12.37
CA HIS C 109 -3.05 20.13 -12.12
C HIS C 109 -3.43 20.09 -10.64
N ASP C 110 -4.61 20.61 -10.33
CA ASP C 110 -5.11 20.72 -8.97
C ASP C 110 -5.48 19.39 -8.39
N PRO C 111 -5.49 19.31 -7.05
CA PRO C 111 -6.03 18.15 -6.33
C PRO C 111 -7.42 17.87 -6.87
N GLU C 112 -7.72 16.60 -7.08
CA GLU C 112 -9.00 16.22 -7.64
C GLU C 112 -9.55 14.93 -7.01
N TRP C 113 -10.84 14.93 -6.77
CA TRP C 113 -11.50 13.69 -6.44
C TRP C 113 -11.33 12.68 -7.56
N VAL C 114 -10.85 11.50 -7.19
CA VAL C 114 -10.68 10.38 -8.10
C VAL C 114 -11.49 9.18 -7.60
N VAL C 115 -12.44 8.74 -8.42
CA VAL C 115 -13.27 7.60 -8.05
C VAL C 115 -12.53 6.28 -8.28
N ASN C 116 -12.61 5.40 -7.29
CA ASN C 116 -12.00 4.08 -7.44
C ASN C 116 -12.97 3.13 -8.14
N MET C 117 -12.78 2.97 -9.45
CA MET C 117 -13.65 2.13 -10.27
C MET C 117 -13.43 0.62 -10.06
N LYS C 118 -12.40 0.24 -9.28
CA LYS C 118 -12.14 -1.16 -8.97
C LYS C 118 -12.88 -1.63 -7.72
N ALA C 119 -13.06 -0.71 -6.77
CA ALA C 119 -13.77 -1.04 -5.54
C ALA C 119 -15.23 -1.30 -5.81
N ARG C 120 -15.87 -2.05 -4.93
CA ARG C 120 -17.28 -2.38 -5.10
C ARG C 120 -18.16 -1.22 -4.68
N THR C 121 -19.21 -0.98 -5.44
CA THR C 121 -20.23 -0.01 -5.03
C THR C 121 -20.72 -0.33 -3.63
N ARG C 122 -21.19 0.68 -2.92
CA ARG C 122 -21.77 0.45 -1.61
C ARG C 122 -22.94 1.40 -1.39
N GLY C 123 -23.67 1.20 -0.30
CA GLY C 123 -24.80 2.06 0.02
C GLY C 123 -24.36 3.51 0.08
N CYS C 124 -25.30 4.43 -0.05
CA CYS C 124 -24.96 5.84 0.13
C CYS C 124 -25.19 6.26 1.57
N ASP C 125 -26.05 5.51 2.26
CA ASP C 125 -26.26 5.67 3.70
C ASP C 125 -25.58 4.56 4.47
N HIS C 126 -24.93 4.92 5.56
CA HIS C 126 -24.39 3.92 6.45
C HIS C 126 -25.48 3.40 7.37
N HIS C 127 -25.51 2.08 7.56
CA HIS C 127 -26.42 1.50 8.54
C HIS C 127 -25.66 0.78 9.64
N HIS C 128 -25.86 1.25 10.87
CA HIS C 128 -25.11 0.74 12.01
C HIS C 128 -25.55 -0.64 12.47
N HIS C 129 -26.81 -0.99 12.23
CA HIS C 129 -27.34 -2.26 12.69
C HIS C 129 -28.17 -2.99 11.65
N HIS C 130 -28.44 -4.26 11.93
CA HIS C 130 -29.39 -5.09 11.19
C HIS C 130 -29.14 -6.57 11.42
N VAL D 3 20.64 4.56 17.72
CA VAL D 3 19.72 4.82 16.61
C VAL D 3 18.45 3.95 16.61
N CYS D 4 17.47 4.39 15.82
CA CYS D 4 16.17 3.75 15.76
C CYS D 4 15.81 3.35 14.35
N ARG D 5 14.72 2.62 14.25
CA ARG D 5 14.13 2.38 12.95
C ARG D 5 12.65 2.63 13.04
N GLU D 6 11.96 2.22 11.99
CA GLU D 6 10.53 2.21 12.02
C GLU D 6 10.09 0.80 12.29
N ALA D 7 9.02 0.66 13.06
CA ALA D 7 8.50 -0.63 13.42
C ALA D 7 7.00 -0.53 13.41
N SER D 8 6.33 -1.68 13.29
CA SER D 8 4.90 -1.73 13.16
C SER D 8 4.34 -2.87 13.95
N ILE D 9 3.18 -2.65 14.54
CA ILE D 9 2.51 -3.76 15.19
C ILE D 9 1.05 -3.80 14.79
N SER D 10 0.57 -5.00 14.45
CA SER D 10 -0.82 -5.19 14.06
C SER D 10 -1.62 -5.97 15.09
N GLY D 11 -2.92 -5.67 15.19
CA GLY D 11 -3.81 -6.37 16.09
C GLY D 11 -5.23 -6.34 15.56
N GLU D 12 -6.06 -7.25 16.04
CA GLU D 12 -7.41 -7.39 15.50
C GLU D 12 -8.47 -6.77 16.42
N ILE D 13 -9.52 -6.28 15.81
CA ILE D 13 -10.63 -5.70 16.54
C ILE D 13 -11.91 -6.11 15.85
N ARG D 14 -12.85 -6.62 16.63
CA ARG D 14 -14.11 -7.07 16.07
C ARG D 14 -15.30 -6.27 16.59
N TYR D 15 -16.45 -6.45 15.96
CA TYR D 15 -17.64 -5.72 16.40
C TYR D 15 -18.81 -6.67 16.64
N PRO D 16 -19.74 -6.24 17.50
CA PRO D 16 -20.93 -7.02 17.85
C PRO D 16 -21.63 -7.51 16.59
N GLN D 17 -22.11 -8.74 16.63
CA GLN D 17 -22.85 -9.26 15.50
C GLN D 17 -23.95 -8.26 15.07
N GLY D 18 -24.20 -8.17 13.78
CA GLY D 18 -25.28 -7.35 13.25
C GLY D 18 -24.91 -5.89 13.09
N THR D 19 -23.88 -5.46 13.79
CA THR D 19 -23.42 -4.09 13.74
C THR D 19 -22.47 -3.87 12.58
N CYS D 20 -22.30 -2.60 12.21
CA CYS D 20 -21.43 -2.21 11.12
C CYS D 20 -20.82 -0.84 11.42
N PRO D 21 -19.53 -0.82 11.77
CA PRO D 21 -18.87 0.43 12.13
C PRO D 21 -18.60 1.19 10.86
N THR D 22 -18.47 2.52 10.94
CA THR D 22 -17.99 3.26 9.77
C THR D 22 -16.47 3.15 9.76
N LYS D 23 -15.86 3.43 8.62
CA LYS D 23 -14.41 3.43 8.56
C LYS D 23 -13.86 4.35 9.63
N THR D 24 -14.59 5.44 9.88
CA THR D 24 -14.14 6.48 10.79
C THR D 24 -14.13 5.99 12.24
N GLU D 25 -15.20 5.33 12.66
CA GLU D 25 -15.18 4.83 14.02
C GLU D 25 -14.19 3.66 14.18
N ALA D 26 -13.96 2.92 13.11
CA ALA D 26 -12.97 1.85 13.18
C ALA D 26 -11.57 2.44 13.34
N LEU D 27 -11.28 3.51 12.60
CA LEU D 27 -9.97 4.14 12.74
C LEU D 27 -9.85 4.81 14.11
N ASN D 28 -10.93 5.40 14.57
CA ASN D 28 -10.91 6.02 15.86
C ASN D 28 -10.57 5.00 16.97
N ASP D 29 -11.13 3.80 16.85
CA ASP D 29 -10.84 2.73 17.79
C ASP D 29 -9.39 2.30 17.70
N CYS D 30 -8.94 2.11 16.46
CA CYS D 30 -7.56 1.77 16.22
C CYS D 30 -6.64 2.82 16.83
N ASN D 31 -7.08 4.08 16.82
CA ASN D 31 -6.28 5.15 17.44
C ASN D 31 -6.38 5.14 18.97
N LYS D 32 -7.39 4.47 19.50
CA LYS D 32 -7.44 4.20 20.93
C LYS D 32 -6.22 3.36 21.37
N VAL D 33 -5.84 2.38 20.56
CA VAL D 33 -4.63 1.61 20.88
C VAL D 33 -3.36 2.40 20.58
N THR D 34 -3.40 3.28 19.57
CA THR D 34 -2.30 4.21 19.33
C THR D 34 -1.90 4.94 20.61
N LYS D 35 -2.88 5.52 21.28
CA LYS D 35 -2.62 6.24 22.51
C LYS D 35 -1.99 5.32 23.57
N GLY D 36 -2.58 4.15 23.77
CA GLY D 36 -2.05 3.16 24.69
C GLY D 36 -0.58 2.82 24.49
N LEU D 37 -0.23 2.42 23.28
CA LEU D 37 1.15 2.08 22.96
C LEU D 37 2.10 3.21 23.31
N ILE D 38 1.67 4.45 23.10
CA ILE D 38 2.51 5.61 23.39
C ILE D 38 2.66 5.82 24.89
N ASP D 39 1.56 5.67 25.62
CA ASP D 39 1.59 5.82 27.06
C ASP D 39 2.48 4.73 27.63
N PHE D 40 2.31 3.52 27.10
CA PHE D 40 3.13 2.39 27.50
C PHE D 40 4.59 2.58 27.12
N SER D 41 4.86 3.03 25.90
CA SER D 41 6.22 3.34 25.49
C SER D 41 6.78 4.35 26.46
N GLN D 42 5.91 5.26 26.88
CA GLN D 42 6.33 6.35 27.75
C GLN D 42 6.80 5.83 29.10
N SER D 43 6.07 4.87 29.64
CA SER D 43 6.35 4.28 30.94
C SER D 43 7.60 3.44 30.89
N HIS D 44 8.00 3.08 29.67
CA HIS D 44 9.08 2.13 29.49
C HIS D 44 10.23 2.71 28.69
N GLN D 45 10.60 3.93 29.06
CA GLN D 45 11.76 4.61 28.48
C GLN D 45 11.66 4.82 26.98
N ARG D 46 10.45 5.07 26.49
CA ARG D 46 10.27 5.34 25.07
C ARG D 46 11.01 4.32 24.21
N ALA D 47 10.90 3.05 24.59
CA ALA D 47 11.48 1.99 23.79
C ALA D 47 10.90 2.10 22.39
N TRP D 48 9.62 2.42 22.30
CA TRP D 48 8.97 2.51 21.02
C TRP D 48 8.86 3.95 20.54
N GLY D 49 9.54 4.86 21.21
CA GLY D 49 9.42 6.26 20.86
C GLY D 49 8.01 6.75 21.17
N ILE D 50 7.64 7.91 20.63
CA ILE D 50 6.31 8.45 20.87
C ILE D 50 5.61 8.91 19.61
N ASP D 51 6.32 8.86 18.49
CA ASP D 51 5.75 9.19 17.20
C ASP D 51 5.11 7.94 16.56
N MET D 52 3.82 7.75 16.78
CA MET D 52 3.12 6.62 16.18
C MET D 52 1.93 7.03 15.30
N THR D 53 1.68 6.27 14.24
CA THR D 53 0.55 6.55 13.36
C THR D 53 -0.23 5.27 13.01
N ALA D 54 -1.53 5.42 12.85
CA ALA D 54 -2.46 4.29 12.70
C ALA D 54 -3.10 4.19 11.33
N LYS D 55 -3.29 2.95 10.88
CA LYS D 55 -4.08 2.65 9.69
C LYS D 55 -4.99 1.48 10.05
N VAL D 56 -6.12 1.35 9.37
CA VAL D 56 -7.08 0.31 9.67
C VAL D 56 -7.69 -0.17 8.38
N GLN D 57 -8.01 -1.46 8.34
CA GLN D 57 -8.71 -2.05 7.22
C GLN D 57 -9.73 -3.00 7.79
N CYS D 58 -10.92 -2.99 7.22
CA CYS D 58 -12.01 -3.75 7.79
C CYS D 58 -12.55 -4.65 6.72
N ALA D 59 -13.08 -5.79 7.15
CA ALA D 59 -13.86 -6.60 6.26
C ALA D 59 -15.08 -5.76 5.92
N PRO D 60 -15.62 -5.92 4.71
CA PRO D 60 -16.87 -5.23 4.36
C PRO D 60 -18.02 -5.80 5.19
N CYS D 61 -19.03 -4.98 5.46
CA CYS D 61 -20.19 -5.43 6.22
C CYS D 61 -21.07 -6.31 5.35
N LYS D 62 -21.70 -7.32 5.95
CA LYS D 62 -22.78 -8.01 5.27
C LYS D 62 -24.08 -7.47 5.80
N THR D 63 -24.78 -6.70 4.97
CA THR D 63 -26.03 -6.08 5.37
C THR D 63 -27.14 -7.13 5.46
N THR D 64 -27.08 -8.11 4.57
CA THR D 64 -28.05 -9.20 4.54
C THR D 64 -27.93 -10.18 5.73
N ASP D 65 -26.75 -10.30 6.33
CA ASP D 65 -26.52 -11.27 7.40
C ASP D 65 -26.68 -10.64 8.79
N PRO D 66 -27.72 -11.04 9.51
CA PRO D 66 -28.00 -10.46 10.83
C PRO D 66 -27.01 -10.85 11.91
N TRP D 67 -26.12 -11.81 11.64
CA TRP D 67 -25.15 -12.22 12.65
C TRP D 67 -23.73 -11.85 12.26
N ASP D 68 -23.60 -11.22 11.10
CA ASP D 68 -22.29 -10.76 10.65
C ASP D 68 -21.47 -10.07 11.76
N VAL D 69 -20.22 -10.49 11.90
CA VAL D 69 -19.29 -9.85 12.80
C VAL D 69 -18.15 -9.29 11.97
N VAL D 70 -17.88 -8.00 12.12
CA VAL D 70 -16.86 -7.32 11.33
C VAL D 70 -15.49 -7.40 12.00
N LEU D 71 -14.49 -7.80 11.21
CA LEU D 71 -13.10 -7.89 11.66
C LEU D 71 -12.33 -6.73 11.10
N CYS D 72 -11.60 -6.04 11.96
CA CYS D 72 -10.73 -4.96 11.50
C CYS D 72 -9.30 -5.18 11.96
N THR D 73 -8.36 -4.99 11.04
CA THR D 73 -6.97 -4.97 11.41
C THR D 73 -6.48 -3.55 11.70
N CYS D 74 -5.99 -3.37 12.92
CA CYS D 74 -5.42 -2.13 13.37
C CYS D 74 -3.88 -2.19 13.28
N LYS D 75 -3.29 -1.45 12.34
CA LYS D 75 -1.83 -1.41 12.21
C LYS D 75 -1.22 -0.07 12.65
N ILE D 76 -0.39 -0.11 13.68
CA ILE D 76 0.22 1.07 14.27
C ILE D 76 1.70 1.07 13.96
N THR D 77 2.20 2.22 13.52
CA THR D 77 3.57 2.34 13.11
C THR D 77 4.30 3.30 14.02
N ALA D 78 5.29 2.78 14.74
CA ALA D 78 6.16 3.62 15.57
C ALA D 78 7.35 4.08 14.72
N HIS D 79 7.57 5.39 14.69
CA HIS D 79 8.56 5.98 13.77
C HIS D 79 9.97 6.19 14.34
N ARG D 80 10.08 6.25 15.66
CA ARG D 80 11.41 6.33 16.29
C ARG D 80 11.55 5.24 17.37
N TYR D 81 11.74 4.03 16.86
CA TYR D 81 11.74 2.81 17.64
C TYR D 81 13.18 2.30 17.84
N ARG D 82 13.60 2.18 19.10
CA ARG D 82 14.93 1.69 19.41
C ARG D 82 14.96 0.20 19.20
N GLU D 83 15.75 -0.26 18.25
CA GLU D 83 15.87 -1.69 18.02
C GLU D 83 16.81 -2.30 19.03
N PHE D 84 17.79 -1.50 19.45
CA PHE D 84 18.84 -1.94 20.36
C PHE D 84 18.32 -2.31 21.74
N VAL D 85 17.04 -2.07 22.02
CA VAL D 85 16.53 -2.49 23.33
C VAL D 85 15.68 -3.75 23.31
N PRO D 86 15.66 -4.47 24.44
CA PRO D 86 14.88 -5.70 24.60
C PRO D 86 13.47 -5.54 24.07
N LYS D 87 13.09 -6.44 23.17
CA LYS D 87 11.77 -6.40 22.55
C LYS D 87 10.70 -6.75 23.56
N ILE D 88 9.86 -5.76 23.87
CA ILE D 88 8.74 -5.96 24.79
C ILE D 88 7.63 -6.73 24.10
N PRO D 89 7.13 -7.79 24.74
CA PRO D 89 6.16 -8.71 24.12
C PRO D 89 4.72 -8.29 24.37
N TYR D 90 3.84 -8.65 23.45
CA TYR D 90 2.40 -8.47 23.64
C TYR D 90 2.01 -8.78 25.09
N SER D 91 2.36 -9.98 25.56
CA SER D 91 2.03 -10.40 26.93
C SER D 91 2.23 -9.27 27.94
N SER D 92 3.30 -8.50 27.78
CA SER D 92 3.65 -7.42 28.70
C SER D 92 2.76 -6.19 28.63
N PHE D 93 1.84 -6.10 27.67
CA PHE D 93 1.03 -4.89 27.56
C PHE D 93 -0.39 -5.08 27.04
N SER D 94 -0.77 -6.32 26.77
CA SER D 94 -2.08 -6.62 26.21
C SER D 94 -3.19 -6.12 27.13
N SER D 95 -2.81 -5.67 28.32
CA SER D 95 -3.80 -5.28 29.32
C SER D 95 -3.70 -3.80 29.60
N ALA D 96 -2.60 -3.19 29.18
CA ALA D 96 -2.42 -1.78 29.40
C ALA D 96 -3.60 -1.03 28.78
N PRO D 97 -3.89 0.18 29.29
CA PRO D 97 -5.05 0.99 28.88
C PRO D 97 -5.08 1.37 27.40
N GLY D 98 -6.20 1.07 26.75
CA GLY D 98 -6.41 1.45 25.37
C GLY D 98 -5.90 0.40 24.40
N VAL D 99 -5.14 -0.57 24.92
CA VAL D 99 -4.58 -1.58 24.06
C VAL D 99 -5.67 -2.61 23.77
N ILE D 100 -6.55 -2.28 22.84
CA ILE D 100 -7.75 -3.07 22.69
C ILE D 100 -7.70 -4.06 21.56
N PHE D 101 -6.68 -4.00 20.71
CA PHE D 101 -6.60 -5.01 19.65
C PHE D 101 -6.16 -6.36 20.21
N ARG D 102 -6.38 -7.42 19.44
CA ARG D 102 -6.16 -8.79 19.89
C ARG D 102 -5.52 -9.64 18.81
N GLN D 103 -4.97 -10.78 19.22
CA GLN D 103 -4.46 -11.76 18.27
C GLN D 103 -5.35 -11.87 17.04
N GLU D 104 -4.73 -11.82 15.87
CA GLU D 104 -5.47 -11.89 14.61
C GLU D 104 -5.97 -13.28 14.25
N THR D 105 -7.21 -13.33 13.81
CA THR D 105 -7.79 -14.53 13.25
C THR D 105 -6.92 -15.09 12.14
N GLY D 106 -6.62 -16.38 12.22
CA GLY D 106 -5.81 -17.04 11.20
C GLY D 106 -4.33 -16.97 11.54
N LEU D 107 -4.04 -16.33 12.65
CA LEU D 107 -2.67 -16.18 13.11
C LEU D 107 -2.50 -17.00 14.40
N ASP D 108 -1.40 -17.72 14.52
CA ASP D 108 -1.22 -18.56 15.71
C ASP D 108 -0.24 -17.96 16.72
N HIS D 109 0.17 -16.74 16.49
CA HIS D 109 0.96 -16.02 17.48
C HIS D 109 0.30 -14.67 17.76
N ASP D 110 0.70 -14.05 18.86
CA ASP D 110 0.20 -12.75 19.26
C ASP D 110 0.76 -11.61 18.41
N PRO D 111 0.18 -10.42 18.55
CA PRO D 111 0.72 -9.18 17.99
C PRO D 111 2.13 -8.89 18.48
N GLU D 112 3.03 -8.62 17.54
CA GLU D 112 4.43 -8.40 17.88
C GLU D 112 4.94 -7.18 17.15
N TRP D 113 5.74 -6.36 17.82
CA TRP D 113 6.44 -5.29 17.11
C TRP D 113 7.31 -5.89 16.02
N VAL D 114 7.35 -5.24 14.86
CA VAL D 114 8.12 -5.74 13.73
C VAL D 114 8.90 -4.60 13.10
N VAL D 115 10.23 -4.68 13.14
CA VAL D 115 11.08 -3.61 12.65
C VAL D 115 11.20 -3.59 11.14
N ASN D 116 10.93 -2.43 10.54
CA ASN D 116 11.12 -2.24 9.10
C ASN D 116 12.60 -2.12 8.76
N MET D 117 13.18 -3.21 8.26
CA MET D 117 14.59 -3.24 7.93
C MET D 117 14.87 -2.56 6.59
N LYS D 118 13.89 -2.52 5.70
CA LYS D 118 14.09 -1.89 4.41
C LYS D 118 14.15 -0.35 4.49
N ALA D 119 13.92 0.22 5.67
CA ALA D 119 13.87 1.68 5.78
C ALA D 119 15.03 2.27 6.57
N ARG D 120 15.52 3.41 6.09
CA ARG D 120 16.59 4.17 6.72
C ARG D 120 16.53 4.08 8.23
N THR D 121 17.68 3.91 8.85
CA THR D 121 17.78 4.10 10.28
C THR D 121 17.58 5.59 10.50
N ARG D 122 17.09 5.96 11.68
CA ARG D 122 16.89 7.37 11.97
C ARG D 122 17.13 7.63 13.43
N GLY D 123 17.16 8.90 13.80
CA GLY D 123 17.35 9.28 15.19
C GLY D 123 16.32 8.64 16.10
N CYS D 124 16.52 8.76 17.40
CA CYS D 124 15.52 8.31 18.36
C CYS D 124 14.87 9.49 19.03
N ASP D 125 15.47 10.66 18.81
CA ASP D 125 14.89 11.93 19.21
C ASP D 125 14.56 12.77 17.97
N HIS D 126 13.47 13.52 18.07
CA HIS D 126 13.04 14.37 16.98
C HIS D 126 13.43 15.81 17.27
N HIS D 127 14.08 16.45 16.31
CA HIS D 127 14.28 17.91 16.35
C HIS D 127 13.38 18.67 15.36
N HIS D 128 12.62 19.63 15.86
CA HIS D 128 11.68 20.38 15.04
C HIS D 128 12.33 21.50 14.22
N HIS D 129 13.56 21.86 14.58
CA HIS D 129 14.24 23.00 13.99
C HIS D 129 15.71 22.75 13.63
#